data_7YLE
#
_entry.id   7YLE
#
_cell.length_a   74.332
_cell.length_b   74.332
_cell.length_c   87.788
_cell.angle_alpha   90.000
_cell.angle_beta   90.000
_cell.angle_gamma   90.000
#
_symmetry.space_group_name_H-M   'P 41'
#
loop_
_entity.id
_entity.type
_entity.pdbx_description
1 polymer 'Glycine betaine/proline ABC transporter, periplasmic glycinebetaine/proline-binding protein'
2 non-polymer '3-(dimethyl-lambda~4~-sulfanyl)propanoic acid'
3 water water
#
_entity_poly.entity_id   1
_entity_poly.type   'polypeptide(L)'
_entity_poly.pdbx_seq_one_letter_code
;MTKINLATLSVIGFLGSASIAQAECGEVSITEMNWASASVVTTVATFLMEQGYGCAVTVVPSSTVPAVTSVSETGEPDIL
TELWLSSLPNYAKLEAQGTVRTLTEVLSDGGQEGWWVPQYLAEAHPEVTTIEGILANPDLVGGRFHRSPDGWAAAIVDSS
LAKAWDLEGNGIEVFAHGSGETLATSIAAAYADREPWFGYYWAPTSVLGKFPMVMVDLGEFDADIHACNSKADCANVGKS
PYPRARVITAVTPGFAEENPEIIEMLSNLSFTNDQMGAILAWQEENGASSEEAAVWFLSNNSDIWAGWVNDAARENLAAL
IP
;
_entity_poly.pdbx_strand_id   A
#
# COMPACT_ATOMS: atom_id res chain seq x y z
N GLU A 24 -23.34 -12.17 18.50
CA GLU A 24 -22.10 -11.52 18.89
C GLU A 24 -21.03 -11.72 17.82
N CYS A 25 -19.80 -11.32 18.10
CA CYS A 25 -18.70 -11.46 17.14
C CYS A 25 -17.76 -12.59 17.52
N GLY A 26 -17.58 -13.54 16.59
CA GLY A 26 -16.73 -14.68 16.83
C GLY A 26 -15.39 -14.64 16.12
N GLU A 27 -15.15 -15.60 15.24
CA GLU A 27 -13.87 -15.72 14.55
C GLU A 27 -13.76 -14.77 13.36
N VAL A 28 -12.69 -13.98 13.36
CA VAL A 28 -12.45 -13.02 12.28
C VAL A 28 -11.01 -13.08 11.82
N SER A 29 -10.81 -13.17 10.50
CA SER A 29 -9.46 -13.12 9.93
C SER A 29 -9.28 -11.86 9.08
N ILE A 30 -8.10 -11.26 9.18
CA ILE A 30 -7.80 -10.01 8.48
C ILE A 30 -6.35 -10.00 7.97
N THR A 31 -6.14 -9.59 6.73
CA THR A 31 -4.78 -9.48 6.19
C THR A 31 -3.99 -8.40 6.90
N GLU A 32 -2.72 -8.66 7.20
CA GLU A 32 -1.77 -7.58 7.46
C GLU A 32 -0.75 -7.50 6.32
N MET A 33 -0.78 -6.39 5.57
CA MET A 33 0.07 -6.24 4.41
C MET A 33 1.44 -5.82 4.86
N ASN A 34 2.44 -6.13 4.04
CA ASN A 34 3.83 -5.97 4.43
C ASN A 34 4.46 -4.60 4.19
N TRP A 35 3.82 -3.57 4.72
CA TRP A 35 4.40 -2.24 4.80
C TRP A 35 3.80 -1.47 5.97
N ALA A 36 4.35 -0.30 6.28
CA ALA A 36 4.07 0.40 7.52
C ALA A 36 2.63 0.93 7.74
N SER A 37 2.07 1.62 6.75
CA SER A 37 0.74 2.17 6.95
C SER A 37 -0.24 1.01 7.10
N ALA A 38 -0.03 -0.03 6.30
CA ALA A 38 -0.88 -1.22 6.30
C ALA A 38 -0.90 -1.90 7.67
N SER A 39 0.23 -1.87 8.35
CA SER A 39 0.32 -2.48 9.67
C SER A 39 -0.54 -1.68 10.64
N VAL A 40 -0.43 -0.36 10.60
CA VAL A 40 -1.25 0.49 11.46
C VAL A 40 -2.74 0.26 11.19
N VAL A 41 -3.11 0.16 9.91
CA VAL A 41 -4.49 -0.06 9.53
C VAL A 41 -5.01 -1.36 10.17
N THR A 42 -4.27 -2.45 9.97
CA THR A 42 -4.69 -3.75 10.48
C THR A 42 -4.67 -3.79 12.00
N THR A 43 -3.69 -3.13 12.59
CA THR A 43 -3.57 -3.15 14.03
C THR A 43 -4.70 -2.34 14.70
N VAL A 44 -4.97 -1.17 14.16
CA VAL A 44 -6.09 -0.37 14.68
C VAL A 44 -7.39 -1.13 14.50
N ALA A 45 -7.60 -1.69 13.31
CA ALA A 45 -8.82 -2.47 13.05
C ALA A 45 -8.96 -3.65 14.02
N THR A 46 -7.88 -4.38 14.24
CA THR A 46 -7.88 -5.51 15.15
C THR A 46 -8.27 -5.10 16.56
N PHE A 47 -7.63 -4.06 17.05
CA PHE A 47 -7.92 -3.55 18.38
C PHE A 47 -9.39 -3.17 18.53
N LEU A 48 -9.89 -2.38 17.58
CA LEU A 48 -11.29 -1.99 17.61
C LEU A 48 -12.21 -3.21 17.58
N MET A 49 -11.88 -4.20 16.74
CA MET A 49 -12.73 -5.39 16.64
C MET A 49 -12.72 -6.24 17.92
N GLU A 50 -11.55 -6.42 18.52
CA GLU A 50 -11.42 -7.25 19.70
C GLU A 50 -11.92 -6.56 20.96
N GLN A 51 -11.44 -5.35 21.20
CA GLN A 51 -11.79 -4.65 22.43
C GLN A 51 -13.21 -4.11 22.39
N GLY A 52 -13.64 -3.68 21.22
CA GLY A 52 -14.94 -3.02 21.09
C GLY A 52 -16.07 -3.98 20.87
N TYR A 53 -15.81 -5.06 20.16
CA TYR A 53 -16.86 -5.99 19.79
C TYR A 53 -16.59 -7.42 20.26
N GLY A 54 -15.52 -7.60 21.04
CA GLY A 54 -15.16 -8.91 21.54
C GLY A 54 -14.88 -9.94 20.45
N CYS A 55 -14.38 -9.47 19.31
CA CYS A 55 -14.03 -10.35 18.19
C CYS A 55 -12.82 -11.20 18.51
N ALA A 56 -12.77 -12.38 17.89
CA ALA A 56 -11.60 -13.26 17.98
C ALA A 56 -10.81 -13.14 16.66
N VAL A 57 -9.78 -12.30 16.66
CA VAL A 57 -9.14 -11.89 15.41
C VAL A 57 -7.83 -12.60 15.11
N THR A 58 -7.80 -13.26 13.96
CA THR A 58 -6.58 -13.85 13.44
C THR A 58 -5.97 -12.94 12.36
N VAL A 59 -4.78 -12.41 12.63
CA VAL A 59 -4.06 -11.57 11.68
C VAL A 59 -3.23 -12.43 10.73
N VAL A 60 -3.61 -12.45 9.45
CA VAL A 60 -2.87 -13.20 8.44
C VAL A 60 -1.82 -12.34 7.73
N PRO A 61 -0.53 -12.61 7.99
CA PRO A 61 0.50 -11.87 7.25
C PRO A 61 0.31 -12.12 5.75
N SER A 62 0.29 -11.06 4.92
CA SER A 62 -0.08 -11.23 3.52
C SER A 62 0.54 -10.21 2.56
N SER A 63 0.19 -10.37 1.31
CA SER A 63 0.61 -9.47 0.28
C SER A 63 -0.54 -9.39 -0.72
N THR A 64 -0.58 -8.31 -1.51
CA THR A 64 -1.70 -8.04 -2.38
C THR A 64 -2.08 -9.23 -3.27
N VAL A 65 -1.11 -9.75 -4.01
CA VAL A 65 -1.38 -10.82 -4.97
C VAL A 65 -1.86 -12.13 -4.33
N PRO A 66 -1.08 -12.71 -3.40
CA PRO A 66 -1.62 -13.91 -2.73
C PRO A 66 -2.92 -13.66 -1.94
N ALA A 67 -3.11 -12.46 -1.39
CA ALA A 67 -4.34 -12.16 -0.66
C ALA A 67 -5.58 -12.20 -1.57
N VAL A 68 -5.51 -11.49 -2.68
CA VAL A 68 -6.62 -11.51 -3.65
C VAL A 68 -6.80 -12.92 -4.23
N THR A 69 -5.70 -13.60 -4.46
CA THR A 69 -5.74 -14.99 -4.92
C THR A 69 -6.43 -15.89 -3.89
N SER A 70 -6.13 -15.65 -2.62
CA SER A 70 -6.68 -16.44 -1.51
C SER A 70 -8.19 -16.29 -1.34
N VAL A 71 -8.72 -15.07 -1.48
CA VAL A 71 -10.17 -14.91 -1.36
C VAL A 71 -10.88 -15.44 -2.61
N SER A 72 -10.25 -15.26 -3.77
CA SER A 72 -10.76 -15.81 -5.01
C SER A 72 -10.83 -17.33 -5.00
N GLU A 73 -10.06 -17.97 -4.13
CA GLU A 73 -10.00 -19.43 -4.12
C GLU A 73 -10.56 -20.06 -2.84
N THR A 74 -10.30 -19.45 -1.69
CA THR A 74 -10.74 -20.02 -0.41
C THR A 74 -11.77 -19.16 0.35
N GLY A 75 -12.13 -18.02 -0.22
CA GLY A 75 -13.07 -17.12 0.44
C GLY A 75 -12.59 -16.61 1.79
N GLU A 76 -11.29 -16.73 2.03
CA GLU A 76 -10.64 -16.16 3.19
C GLU A 76 -9.41 -15.35 2.74
N PRO A 77 -8.92 -14.42 3.58
CA PRO A 77 -9.48 -14.03 4.88
C PRO A 77 -10.74 -13.20 4.75
N ASP A 78 -11.40 -12.93 5.88
CA ASP A 78 -12.65 -12.18 5.87
C ASP A 78 -12.43 -10.76 5.36
N ILE A 79 -11.34 -10.14 5.83
CA ILE A 79 -11.06 -8.73 5.57
C ILE A 79 -9.73 -8.52 4.81
N LEU A 80 -9.81 -7.85 3.65
CA LEU A 80 -8.65 -7.49 2.84
C LEU A 80 -8.40 -6.00 2.93
N THR A 81 -7.26 -5.62 3.50
CA THR A 81 -6.91 -4.21 3.68
C THR A 81 -5.45 -4.15 4.15
N GLU A 82 -4.65 -3.18 3.70
CA GLU A 82 -4.99 -2.23 2.64
C GLU A 82 -5.04 -2.93 1.30
N LEU A 83 -6.02 -2.59 0.49
CA LEU A 83 -6.06 -3.13 -0.85
C LEU A 83 -5.83 -1.98 -1.84
N TRP A 84 -4.66 -1.98 -2.46
CA TRP A 84 -4.33 -0.96 -3.44
C TRP A 84 -4.98 -1.32 -4.77
N LEU A 85 -5.86 -0.46 -5.26
CA LEU A 85 -6.61 -0.74 -6.49
C LEU A 85 -5.96 -0.24 -7.78
N SER A 86 -4.84 0.46 -7.69
CA SER A 86 -4.22 1.04 -8.89
C SER A 86 -3.92 -0.03 -9.94
N SER A 87 -3.56 -1.22 -9.49
CA SER A 87 -3.01 -2.22 -10.40
C SER A 87 -3.72 -3.53 -10.28
N LEU A 88 -4.98 -3.46 -9.85
CA LEU A 88 -5.85 -4.64 -9.83
C LEU A 88 -7.02 -4.43 -10.80
N PRO A 89 -6.76 -4.50 -12.12
CA PRO A 89 -7.79 -4.15 -13.10
C PRO A 89 -8.99 -5.10 -13.07
N ASN A 90 -8.80 -6.30 -12.50
CA ASN A 90 -9.88 -7.27 -12.46
C ASN A 90 -10.67 -7.24 -11.15
N TYR A 91 -10.44 -6.22 -10.33
CA TYR A 91 -11.13 -6.13 -9.05
C TYR A 91 -12.63 -5.87 -9.24
N ALA A 92 -12.96 -4.97 -10.16
CA ALA A 92 -14.35 -4.69 -10.51
C ALA A 92 -15.10 -6.00 -10.78
N LYS A 93 -14.48 -6.87 -11.58
CA LYS A 93 -15.08 -8.16 -11.92
C LYS A 93 -15.23 -9.06 -10.70
N LEU A 94 -14.22 -9.09 -9.84
CA LEU A 94 -14.30 -9.83 -8.60
C LEU A 94 -15.47 -9.36 -7.74
N GLU A 95 -15.73 -8.06 -7.77
CA GLU A 95 -16.80 -7.52 -6.94
C GLU A 95 -18.16 -7.82 -7.56
N ALA A 96 -18.21 -7.82 -8.89
CA ALA A 96 -19.41 -8.17 -9.64
C ALA A 96 -19.87 -9.59 -9.31
N GLN A 97 -18.93 -10.54 -9.39
CA GLN A 97 -19.21 -11.94 -9.07
C GLN A 97 -19.54 -12.13 -7.59
N GLY A 98 -19.52 -11.04 -6.83
CA GLY A 98 -19.79 -11.10 -5.41
C GLY A 98 -18.74 -11.87 -4.62
N THR A 99 -17.52 -11.94 -5.13
CA THR A 99 -16.44 -12.59 -4.38
C THR A 99 -15.93 -11.68 -3.26
N VAL A 100 -15.97 -10.38 -3.50
CA VAL A 100 -15.58 -9.39 -2.50
C VAL A 100 -16.51 -8.20 -2.54
N ARG A 101 -16.55 -7.44 -1.45
CA ARG A 101 -17.33 -6.20 -1.41
C ARG A 101 -16.49 -5.06 -0.86
N THR A 102 -16.47 -3.93 -1.57
CA THR A 102 -15.75 -2.74 -1.11
C THR A 102 -16.51 -2.00 0.00
N LEU A 103 -15.84 -1.79 1.13
CA LEU A 103 -16.46 -1.09 2.27
C LEU A 103 -16.17 0.40 2.27
N THR A 104 -14.90 0.77 2.06
CA THR A 104 -14.51 2.17 2.06
C THR A 104 -13.05 2.36 1.60
N GLU A 105 -12.66 3.61 1.38
CA GLU A 105 -11.27 3.92 1.12
C GLU A 105 -10.59 4.13 2.47
N VAL A 106 -9.67 3.23 2.79
CA VAL A 106 -9.04 3.17 4.11
C VAL A 106 -7.92 4.23 4.25
N LEU A 107 -7.27 4.54 3.14
CA LEU A 107 -6.44 5.72 3.05
C LEU A 107 -7.26 6.73 2.25
N SER A 108 -7.98 7.61 2.95
CA SER A 108 -9.04 8.42 2.32
C SER A 108 -8.52 9.43 1.31
N ASP A 109 -7.25 9.81 1.43
CA ASP A 109 -6.64 10.75 0.49
C ASP A 109 -6.01 10.04 -0.72
N GLY A 110 -5.97 8.71 -0.68
CA GLY A 110 -5.31 7.94 -1.72
C GLY A 110 -3.80 8.06 -1.69
N GLY A 111 -3.12 7.48 -2.67
CA GLY A 111 -1.67 7.50 -2.75
C GLY A 111 -1.21 7.49 -4.20
N GLN A 112 0.08 7.75 -4.43
CA GLN A 112 0.62 7.77 -5.79
C GLN A 112 1.91 6.96 -5.89
N GLU A 113 1.87 5.94 -6.73
CA GLU A 113 3.04 5.11 -7.01
C GLU A 113 3.76 5.65 -8.22
N GLY A 114 5.03 5.32 -8.34
CA GLY A 114 5.82 5.79 -9.47
C GLY A 114 7.24 5.30 -9.38
N TRP A 115 8.05 5.80 -10.29
CA TRP A 115 9.48 5.55 -10.32
C TRP A 115 10.17 6.83 -9.92
N TRP A 116 11.14 6.75 -9.01
CA TRP A 116 11.70 7.92 -8.38
C TRP A 116 13.23 7.94 -8.40
N VAL A 117 13.82 9.14 -8.31
CA VAL A 117 15.23 9.31 -8.06
C VAL A 117 15.36 10.33 -6.92
N PRO A 118 16.53 10.37 -6.28
CA PRO A 118 16.70 11.34 -5.20
C PRO A 118 16.68 12.76 -5.73
N GLN A 119 16.14 13.69 -4.94
CA GLN A 119 16.11 15.09 -5.34
C GLN A 119 17.48 15.66 -5.72
N TYR A 120 18.51 15.29 -4.97
CA TYR A 120 19.86 15.78 -5.25
C TYR A 120 20.33 15.35 -6.64
N LEU A 121 19.96 14.14 -7.05
CA LEU A 121 20.30 13.64 -8.39
C LEU A 121 19.55 14.41 -9.48
N ALA A 122 18.28 14.69 -9.27
CA ALA A 122 17.49 15.47 -10.22
C ALA A 122 18.00 16.89 -10.35
N GLU A 123 18.56 17.42 -9.26
CA GLU A 123 19.10 18.76 -9.26
C GLU A 123 20.48 18.80 -9.92
N ALA A 124 21.30 17.79 -9.64
CA ALA A 124 22.63 17.70 -10.25
C ALA A 124 22.59 17.36 -11.75
N HIS A 125 21.61 16.56 -12.16
CA HIS A 125 21.52 16.13 -13.55
C HIS A 125 20.07 16.04 -13.97
N PRO A 126 19.46 17.19 -14.33
CA PRO A 126 18.02 17.25 -14.61
C PRO A 126 17.57 16.30 -15.70
N GLU A 127 18.49 15.76 -16.48
CA GLU A 127 18.07 14.83 -17.53
C GLU A 127 17.49 13.52 -16.96
N VAL A 128 17.74 13.23 -15.68
CA VAL A 128 17.15 12.03 -15.07
C VAL A 128 15.68 12.20 -14.71
N THR A 129 15.11 13.38 -14.98
CA THR A 129 13.70 13.60 -14.64
C THR A 129 12.70 13.01 -15.66
N THR A 130 13.19 12.48 -16.78
CA THR A 130 12.32 11.72 -17.69
C THR A 130 12.90 10.33 -17.90
N ILE A 131 12.05 9.34 -18.13
CA ILE A 131 12.53 7.98 -18.37
C ILE A 131 13.47 7.91 -19.58
N GLU A 132 13.12 8.61 -20.66
CA GLU A 132 13.99 8.61 -21.84
C GLU A 132 15.36 9.17 -21.50
N GLY A 133 15.39 10.19 -20.65
CA GLY A 133 16.66 10.79 -20.26
C GLY A 133 17.51 9.77 -19.53
N ILE A 134 16.88 9.01 -18.65
CA ILE A 134 17.58 7.95 -17.92
C ILE A 134 18.07 6.86 -18.86
N LEU A 135 17.19 6.39 -19.74
CA LEU A 135 17.54 5.31 -20.66
C LEU A 135 18.71 5.67 -21.56
N ALA A 136 18.86 6.96 -21.88
CA ALA A 136 19.94 7.40 -22.77
C ALA A 136 21.24 7.61 -22.03
N ASN A 137 21.18 7.62 -20.70
CA ASN A 137 22.38 7.87 -19.90
C ASN A 137 22.34 7.09 -18.60
N PRO A 138 22.32 5.76 -18.72
CA PRO A 138 22.12 4.86 -17.58
C PRO A 138 23.13 5.04 -16.45
N ASP A 139 24.34 5.51 -16.76
CA ASP A 139 25.35 5.68 -15.70
C ASP A 139 24.85 6.67 -14.65
N LEU A 140 24.06 7.64 -15.09
CA LEU A 140 23.49 8.62 -14.14
C LEU A 140 22.71 7.97 -13.01
N VAL A 141 22.07 6.83 -13.26
CA VAL A 141 21.36 6.11 -12.18
C VAL A 141 22.11 4.85 -11.72
N GLY A 142 23.37 4.74 -12.12
CA GLY A 142 24.18 3.60 -11.71
C GLY A 142 23.75 2.29 -12.36
N GLY A 143 23.16 2.40 -13.55
CA GLY A 143 22.76 1.24 -14.31
C GLY A 143 21.82 0.28 -13.60
N ARG A 144 21.00 0.78 -12.68
CA ARG A 144 20.10 -0.13 -11.95
C ARG A 144 18.75 0.50 -11.65
N PHE A 145 17.72 -0.36 -11.67
CA PHE A 145 16.36 0.02 -11.33
C PHE A 145 15.91 -0.90 -10.21
N HIS A 146 15.36 -0.32 -9.14
CA HIS A 146 14.92 -1.07 -7.97
C HIS A 146 13.43 -1.41 -8.07
N ARG A 147 13.15 -2.69 -8.31
CA ARG A 147 11.79 -3.16 -8.55
C ARG A 147 11.07 -3.52 -7.24
N SER A 148 9.77 -3.24 -7.17
CA SER A 148 8.94 -3.66 -6.06
C SER A 148 9.02 -5.18 -5.87
N PRO A 149 8.75 -5.68 -4.66
CA PRO A 149 8.94 -7.10 -4.33
C PRO A 149 7.85 -8.06 -4.84
N ASP A 150 8.24 -9.31 -5.04
CA ASP A 150 7.28 -10.34 -5.39
C ASP A 150 6.12 -10.28 -4.40
N GLY A 151 4.90 -10.41 -4.91
CA GLY A 151 3.71 -10.45 -4.08
C GLY A 151 2.91 -9.17 -4.17
N TRP A 152 3.56 -8.10 -4.63
CA TRP A 152 2.85 -6.84 -4.85
C TRP A 152 2.36 -6.81 -6.28
N ALA A 153 1.19 -6.20 -6.49
CA ALA A 153 0.68 -6.03 -7.85
C ALA A 153 1.65 -5.15 -8.62
N ALA A 154 2.28 -4.20 -7.92
CA ALA A 154 3.30 -3.35 -8.51
C ALA A 154 4.47 -4.13 -9.17
N ALA A 155 4.76 -5.34 -8.72
CA ALA A 155 5.87 -6.10 -9.30
C ALA A 155 5.54 -6.53 -10.74
N ILE A 156 4.26 -6.79 -10.97
CA ILE A 156 3.77 -7.11 -12.32
C ILE A 156 3.84 -5.89 -13.22
N VAL A 157 3.32 -4.77 -12.74
CA VAL A 157 3.44 -3.51 -13.47
C VAL A 157 4.90 -3.11 -13.77
N ASP A 158 5.76 -3.07 -12.76
CA ASP A 158 7.15 -2.65 -12.98
C ASP A 158 7.79 -3.53 -14.04
N SER A 159 7.51 -4.83 -13.94
CA SER A 159 8.08 -5.80 -14.86
C SER A 159 7.58 -5.51 -16.29
N SER A 160 6.30 -5.17 -16.42
CA SER A 160 5.69 -4.77 -17.70
C SER A 160 6.33 -3.48 -18.24
N LEU A 161 6.49 -2.48 -17.37
CA LEU A 161 7.12 -1.23 -17.78
C LEU A 161 8.60 -1.41 -18.16
N ALA A 162 9.33 -2.27 -17.45
CA ALA A 162 10.73 -2.52 -17.77
C ALA A 162 10.82 -3.03 -19.19
N LYS A 163 9.87 -3.88 -19.56
CA LYS A 163 9.81 -4.39 -20.92
C LYS A 163 9.36 -3.32 -21.91
N ALA A 164 8.33 -2.55 -21.58
CA ALA A 164 7.84 -1.55 -22.53
C ALA A 164 8.91 -0.49 -22.84
N TRP A 165 9.76 -0.18 -21.86
CA TRP A 165 10.82 0.80 -22.07
C TRP A 165 12.15 0.16 -22.39
N ASP A 166 12.19 -1.17 -22.38
CA ASP A 166 13.44 -1.91 -22.59
C ASP A 166 14.58 -1.42 -21.71
N LEU A 167 14.36 -1.45 -20.40
CA LEU A 167 15.39 -1.08 -19.44
C LEU A 167 16.68 -1.89 -19.63
N GLU A 168 16.55 -3.21 -19.67
CA GLU A 168 17.74 -4.05 -19.75
C GLU A 168 18.56 -3.75 -20.99
N GLY A 169 17.88 -3.50 -22.10
CA GLY A 169 18.55 -3.29 -23.38
C GLY A 169 19.31 -1.98 -23.34
N ASN A 170 18.89 -1.09 -22.45
CA ASN A 170 19.51 0.22 -22.36
C ASN A 170 20.50 0.28 -21.22
N GLY A 171 20.86 -0.90 -20.70
CA GLY A 171 21.83 -0.99 -19.63
C GLY A 171 21.28 -0.64 -18.25
N ILE A 172 19.98 -0.82 -18.05
CA ILE A 172 19.42 -0.70 -16.72
C ILE A 172 19.01 -2.09 -16.23
N GLU A 173 19.75 -2.59 -15.24
CA GLU A 173 19.48 -3.87 -14.60
C GLU A 173 18.24 -3.77 -13.71
N VAL A 174 17.26 -4.63 -13.92
CA VAL A 174 16.09 -4.66 -13.04
C VAL A 174 16.42 -5.50 -11.81
N PHE A 175 16.52 -4.85 -10.67
CA PHE A 175 16.85 -5.54 -9.41
C PHE A 175 15.59 -5.72 -8.56
N ALA A 176 15.13 -6.97 -8.41
CA ALA A 176 13.91 -7.28 -7.67
C ALA A 176 14.21 -7.38 -6.18
N HIS A 177 13.72 -6.43 -5.39
CA HIS A 177 13.89 -6.51 -3.93
C HIS A 177 13.10 -7.63 -3.30
N GLY A 178 13.64 -8.19 -2.23
CA GLY A 178 13.01 -9.33 -1.57
C GLY A 178 11.80 -8.93 -0.75
N SER A 179 11.76 -7.65 -0.35
CA SER A 179 10.67 -7.15 0.45
C SER A 179 10.58 -5.65 0.38
N GLY A 180 9.48 -5.10 0.89
CA GLY A 180 9.32 -3.66 1.02
C GLY A 180 10.39 -3.07 1.91
N GLU A 181 10.77 -3.81 2.97
CA GLU A 181 11.87 -3.36 3.85
C GLU A 181 13.20 -3.18 3.12
N THR A 182 13.64 -4.18 2.35
CA THR A 182 14.93 -4.03 1.67
C THR A 182 14.86 -2.97 0.57
N LEU A 183 13.69 -2.80 -0.04
CA LEU A 183 13.50 -1.72 -1.01
C LEU A 183 13.72 -0.38 -0.31
N ALA A 184 13.08 -0.20 0.85
CA ALA A 184 13.18 1.06 1.58
C ALA A 184 14.62 1.30 2.04
N THR A 185 15.28 0.25 2.50
CA THR A 185 16.65 0.36 2.98
C THR A 185 17.61 0.72 1.84
N SER A 186 17.33 0.28 0.62
CA SER A 186 18.24 0.61 -0.47
C SER A 186 18.16 2.11 -0.74
N ILE A 187 17.01 2.72 -0.49
CA ILE A 187 16.93 4.18 -0.64
C ILE A 187 17.80 4.84 0.43
N ALA A 188 17.52 4.51 1.69
CA ALA A 188 18.28 5.05 2.82
C ALA A 188 19.79 4.94 2.61
N ALA A 189 20.27 3.76 2.20
CA ALA A 189 21.70 3.55 1.98
C ALA A 189 22.24 4.50 0.91
N ALA A 190 21.62 4.46 -0.27
CA ALA A 190 22.02 5.36 -1.35
C ALA A 190 22.03 6.81 -0.87
N TYR A 191 21.00 7.18 -0.13
CA TYR A 191 20.82 8.57 0.26
C TYR A 191 21.93 9.05 1.19
N ALA A 192 22.29 8.20 2.15
CA ALA A 192 23.32 8.52 3.10
C ALA A 192 24.59 8.99 2.39
N ASP A 193 24.96 8.30 1.32
CA ASP A 193 26.18 8.63 0.60
C ASP A 193 25.93 9.48 -0.65
N ARG A 194 24.72 10.03 -0.76
CA ARG A 194 24.36 10.84 -1.92
C ARG A 194 24.66 10.11 -3.21
N GLU A 195 24.35 8.81 -3.27
CA GLU A 195 24.58 8.03 -4.49
C GLU A 195 23.30 7.93 -5.32
N PRO A 196 23.42 7.53 -6.60
CA PRO A 196 22.20 7.49 -7.40
C PRO A 196 21.23 6.39 -6.92
N TRP A 197 19.97 6.57 -7.24
CA TRP A 197 18.94 5.56 -6.97
C TRP A 197 17.80 5.79 -7.95
N PHE A 198 17.25 4.70 -8.46
CA PHE A 198 16.18 4.75 -9.45
C PHE A 198 15.34 3.54 -9.15
N GLY A 199 14.07 3.75 -8.82
CA GLY A 199 13.21 2.62 -8.49
C GLY A 199 11.78 2.96 -8.09
N TYR A 200 11.01 1.90 -7.89
CA TYR A 200 9.61 2.01 -7.49
C TYR A 200 9.53 2.49 -6.07
N TYR A 201 8.63 3.44 -5.84
CA TYR A 201 8.17 3.74 -4.49
C TYR A 201 6.83 4.44 -4.56
N TRP A 202 6.33 4.88 -3.42
CA TRP A 202 5.02 5.53 -3.36
C TRP A 202 4.98 6.64 -2.32
N ALA A 203 4.01 7.55 -2.46
CA ALA A 203 3.88 8.72 -1.61
C ALA A 203 2.42 9.06 -1.34
N PRO A 204 2.15 9.63 -0.16
CA PRO A 204 3.12 9.99 0.89
C PRO A 204 3.55 8.78 1.74
N THR A 205 4.84 8.69 2.03
CA THR A 205 5.37 7.64 2.92
C THR A 205 6.40 8.24 3.87
N SER A 206 6.76 7.49 4.91
CA SER A 206 7.77 7.95 5.87
C SER A 206 9.08 8.09 5.17
N VAL A 207 9.44 7.06 4.40
CA VAL A 207 10.67 7.07 3.62
C VAL A 207 10.81 8.35 2.78
N LEU A 208 9.76 8.71 2.03
CA LEU A 208 9.84 9.87 1.16
C LEU A 208 9.80 11.18 1.93
N GLY A 209 9.26 11.14 3.15
CA GLY A 209 9.29 12.30 4.02
C GLY A 209 10.69 12.53 4.55
N LYS A 210 11.38 11.43 4.81
CA LYS A 210 12.74 11.49 5.35
C LYS A 210 13.79 11.70 4.27
N PHE A 211 13.54 11.15 3.08
CA PHE A 211 14.50 11.26 1.99
C PHE A 211 13.84 11.84 0.74
N PRO A 212 13.98 13.14 0.53
CA PRO A 212 13.35 13.86 -0.59
C PRO A 212 13.63 13.18 -1.93
N MET A 213 12.57 12.70 -2.58
CA MET A 213 12.68 12.05 -3.86
C MET A 213 11.90 12.83 -4.91
N VAL A 214 12.19 12.55 -6.17
CA VAL A 214 11.54 13.20 -7.28
C VAL A 214 10.98 12.13 -8.22
N MET A 215 9.76 12.30 -8.68
CA MET A 215 9.15 11.29 -9.55
C MET A 215 9.66 11.43 -11.00
N VAL A 216 10.16 10.34 -11.57
CA VAL A 216 10.58 10.35 -12.97
C VAL A 216 9.33 10.45 -13.85
N ASP A 217 9.37 11.30 -14.87
CA ASP A 217 8.23 11.45 -15.77
C ASP A 217 8.17 10.24 -16.69
N LEU A 218 7.13 9.43 -16.52
CA LEU A 218 6.93 8.23 -17.35
C LEU A 218 5.91 8.46 -18.48
N GLY A 219 5.62 9.72 -18.79
CA GLY A 219 4.69 10.03 -19.86
C GLY A 219 3.25 10.16 -19.40
N GLU A 220 2.32 10.24 -20.36
CA GLU A 220 0.92 10.46 -20.03
C GLU A 220 0.19 9.17 -19.64
N PHE A 221 -0.64 9.24 -18.61
CA PHE A 221 -1.40 8.07 -18.18
C PHE A 221 -2.33 7.54 -19.27
N ASP A 222 -2.36 6.23 -19.44
CA ASP A 222 -3.29 5.55 -20.34
C ASP A 222 -3.92 4.37 -19.62
N ALA A 223 -5.23 4.47 -19.37
CA ALA A 223 -5.95 3.43 -18.63
C ALA A 223 -5.79 2.03 -19.23
N ASP A 224 -5.89 1.93 -20.55
CA ASP A 224 -5.87 0.61 -21.17
C ASP A 224 -4.47 0.04 -21.16
N ILE A 225 -3.47 0.89 -21.38
CA ILE A 225 -2.09 0.43 -21.30
C ILE A 225 -1.79 -0.04 -19.89
N HIS A 226 -2.15 0.77 -18.88
CA HIS A 226 -1.87 0.37 -17.51
C HIS A 226 -2.61 -0.91 -17.11
N ALA A 227 -3.86 -1.06 -17.54
CA ALA A 227 -4.60 -2.28 -17.27
C ALA A 227 -3.82 -3.48 -17.79
N CYS A 228 -3.26 -3.35 -19.00
CA CYS A 228 -2.52 -4.43 -19.61
C CYS A 228 -1.23 -4.68 -18.84
N ASN A 229 -0.58 -3.59 -18.44
CA ASN A 229 0.65 -3.73 -17.65
C ASN A 229 0.40 -4.45 -16.33
N SER A 230 -0.83 -4.35 -15.84
CA SER A 230 -1.20 -4.92 -14.54
C SER A 230 -1.57 -6.40 -14.61
N LYS A 231 -1.59 -6.98 -15.80
CA LYS A 231 -2.05 -8.36 -15.96
C LYS A 231 -0.92 -9.25 -16.46
N ALA A 232 -0.60 -10.30 -15.72
CA ALA A 232 0.49 -11.20 -16.08
C ALA A 232 0.33 -11.78 -17.49
N ASP A 233 -0.92 -11.86 -17.95
CA ASP A 233 -1.24 -12.59 -19.18
C ASP A 233 -1.39 -11.66 -20.38
N CYS A 234 -1.34 -10.35 -20.14
CA CYS A 234 -1.39 -9.41 -21.25
C CYS A 234 0.02 -9.13 -21.74
N ALA A 235 0.36 -9.69 -22.89
CA ALA A 235 1.72 -9.61 -23.43
C ALA A 235 2.04 -8.26 -24.10
N ASN A 236 0.99 -7.55 -24.52
CA ASN A 236 1.14 -6.29 -25.24
C ASN A 236 1.44 -5.09 -24.34
N VAL A 237 2.52 -5.16 -23.57
CA VAL A 237 2.84 -4.09 -22.64
C VAL A 237 3.11 -2.76 -23.36
N GLY A 238 2.85 -1.66 -22.65
CA GLY A 238 3.02 -0.33 -23.20
C GLY A 238 3.50 0.65 -22.15
N LYS A 239 3.62 1.91 -22.54
CA LYS A 239 4.15 2.95 -21.68
C LYS A 239 3.05 3.77 -21.01
N SER A 240 2.89 3.59 -19.70
CA SER A 240 2.03 4.46 -18.92
C SER A 240 2.56 4.57 -17.48
N PRO A 241 2.45 5.76 -16.87
CA PRO A 241 2.68 5.86 -15.41
C PRO A 241 1.56 5.15 -14.68
N TYR A 242 1.72 4.93 -13.38
CA TYR A 242 0.65 4.40 -12.54
C TYR A 242 -0.42 5.46 -12.40
N PRO A 243 -1.70 5.06 -12.24
CA PRO A 243 -2.74 6.03 -11.90
C PRO A 243 -2.62 6.37 -10.42
N ARG A 244 -3.30 7.41 -9.96
CA ARG A 244 -3.40 7.63 -8.53
C ARG A 244 -4.21 6.51 -7.90
N ALA A 245 -3.75 5.96 -6.78
CA ALA A 245 -4.38 4.77 -6.21
C ALA A 245 -5.58 5.10 -5.32
N ARG A 246 -6.64 4.33 -5.47
CA ARG A 246 -7.64 4.22 -4.40
C ARG A 246 -7.18 3.05 -3.57
N VAL A 247 -7.32 3.18 -2.26
CA VAL A 247 -6.83 2.17 -1.35
C VAL A 247 -7.95 1.84 -0.40
N ILE A 248 -8.42 0.60 -0.46
CA ILE A 248 -9.67 0.25 0.17
C ILE A 248 -9.59 -0.84 1.20
N THR A 249 -10.64 -0.93 2.00
CA THR A 249 -10.88 -2.11 2.81
C THR A 249 -11.99 -2.87 2.12
N ALA A 250 -11.76 -4.17 1.91
CA ALA A 250 -12.76 -5.00 1.27
C ALA A 250 -13.06 -6.19 2.20
N VAL A 251 -14.24 -6.78 2.03
CA VAL A 251 -14.61 -8.00 2.76
C VAL A 251 -15.36 -9.03 1.88
N THR A 252 -15.43 -10.27 2.37
CA THR A 252 -16.22 -11.31 1.70
C THR A 252 -17.70 -11.11 2.04
N PRO A 253 -18.59 -11.29 1.04
CA PRO A 253 -20.01 -11.10 1.33
C PRO A 253 -20.49 -12.05 2.41
N GLY A 254 -19.84 -13.19 2.55
CA GLY A 254 -20.13 -14.10 3.66
C GLY A 254 -19.86 -13.46 5.00
N PHE A 255 -18.71 -12.82 5.14
CA PHE A 255 -18.36 -12.19 6.42
C PHE A 255 -19.30 -11.02 6.66
N ALA A 256 -19.65 -10.32 5.59
CA ALA A 256 -20.54 -9.17 5.67
C ALA A 256 -21.93 -9.57 6.18
N GLU A 257 -22.51 -10.58 5.52
CA GLU A 257 -23.83 -11.08 5.89
C GLU A 257 -23.87 -11.37 7.38
N GLU A 258 -22.81 -11.99 7.87
CA GLU A 258 -22.73 -12.45 9.24
C GLU A 258 -22.46 -11.37 10.30
N ASN A 259 -21.80 -10.28 9.92
CA ASN A 259 -21.38 -9.29 10.92
C ASN A 259 -21.66 -7.86 10.52
N PRO A 260 -22.94 -7.46 10.48
CA PRO A 260 -23.34 -6.12 10.05
C PRO A 260 -22.62 -5.02 10.85
N GLU A 261 -22.36 -5.27 12.13
CA GLU A 261 -21.75 -4.26 13.00
C GLU A 261 -20.27 -4.02 12.70
N ILE A 262 -19.55 -5.07 12.35
CA ILE A 262 -18.12 -4.93 12.06
C ILE A 262 -17.98 -4.26 10.71
N ILE A 263 -18.81 -4.69 9.76
CA ILE A 263 -18.84 -4.07 8.45
C ILE A 263 -19.12 -2.57 8.53
N GLU A 264 -20.05 -2.18 9.40
CA GLU A 264 -20.36 -0.78 9.57
C GLU A 264 -19.13 -0.05 10.09
N MET A 265 -18.50 -0.62 11.10
CA MET A 265 -17.29 -0.06 11.66
C MET A 265 -16.16 0.02 10.63
N LEU A 266 -15.96 -1.05 9.87
CA LEU A 266 -14.86 -1.08 8.91
C LEU A 266 -15.14 -0.14 7.74
N SER A 267 -16.42 0.17 7.53
CA SER A 267 -16.85 1.15 6.53
C SER A 267 -16.50 2.57 6.97
N ASN A 268 -16.23 2.72 8.26
CA ASN A 268 -15.87 4.01 8.79
C ASN A 268 -14.36 4.14 9.02
N LEU A 269 -13.72 3.01 9.33
CA LEU A 269 -12.30 3.02 9.65
C LEU A 269 -11.46 3.53 8.48
N SER A 270 -10.77 4.65 8.67
CA SER A 270 -10.08 5.31 7.58
C SER A 270 -9.09 6.35 8.12
N PHE A 271 -8.05 6.66 7.36
CA PHE A 271 -7.05 7.63 7.79
C PHE A 271 -6.76 8.61 6.66
N THR A 272 -6.73 9.90 6.98
CA THR A 272 -6.20 10.86 6.04
C THR A 272 -4.69 10.66 6.04
N ASN A 273 -4.01 11.16 5.01
CA ASN A 273 -2.55 11.04 4.98
C ASN A 273 -1.90 11.80 6.14
N ASP A 274 -2.39 12.99 6.45
CA ASP A 274 -1.88 13.69 7.65
C ASP A 274 -2.02 12.82 8.91
N GLN A 275 -3.18 12.20 9.10
CA GLN A 275 -3.41 11.37 10.28
C GLN A 275 -2.49 10.17 10.30
N MET A 276 -2.34 9.50 9.16
CA MET A 276 -1.44 8.35 9.08
C MET A 276 0.00 8.77 9.34
N GLY A 277 0.41 9.91 8.76
CA GLY A 277 1.74 10.43 9.00
C GLY A 277 1.98 10.65 10.48
N ALA A 278 1.05 11.32 11.13
CA ALA A 278 1.18 11.61 12.56
C ALA A 278 1.34 10.36 13.42
N ILE A 279 0.73 9.25 13.02
CA ILE A 279 0.86 7.99 13.74
C ILE A 279 2.19 7.34 13.49
N LEU A 280 2.60 7.31 12.22
CA LEU A 280 3.86 6.68 11.85
C LEU A 280 5.02 7.38 12.54
N ALA A 281 4.99 8.71 12.52
CA ALA A 281 6.05 9.48 13.12
C ALA A 281 6.18 9.11 14.59
N TRP A 282 5.06 9.14 15.31
CA TRP A 282 5.07 8.78 16.72
C TRP A 282 5.67 7.39 16.94
N GLN A 283 5.36 6.45 16.05
CA GLN A 283 5.86 5.08 16.19
C GLN A 283 7.36 4.96 15.92
N GLU A 284 7.93 5.98 15.26
CA GLU A 284 9.36 5.99 14.94
C GLU A 284 10.16 6.83 15.94
N GLU A 285 9.58 7.93 16.39
CA GLU A 285 10.22 8.76 17.39
C GLU A 285 10.31 8.02 18.72
N ASN A 286 9.42 7.05 18.90
CA ASN A 286 9.56 6.04 19.95
C ASN A 286 9.97 4.76 19.27
N GLY A 287 10.09 3.67 20.02
CA GLY A 287 10.41 2.40 19.39
C GLY A 287 9.16 1.54 19.32
N ALA A 288 8.01 2.20 19.23
CA ALA A 288 6.71 1.55 19.43
C ALA A 288 6.43 0.39 18.49
N SER A 289 5.82 -0.66 19.04
CA SER A 289 5.28 -1.72 18.22
C SER A 289 4.06 -1.16 17.50
N SER A 290 3.54 -1.90 16.53
CA SER A 290 2.35 -1.46 15.81
C SER A 290 1.19 -1.31 16.79
N GLU A 291 1.07 -2.28 17.69
CA GLU A 291 0.04 -2.25 18.74
C GLU A 291 0.13 -0.98 19.61
N GLU A 292 1.33 -0.56 19.96
CA GLU A 292 1.51 0.64 20.78
C GLU A 292 1.11 1.90 20.02
N ALA A 293 1.38 1.91 18.72
CA ALA A 293 0.98 3.04 17.87
C ALA A 293 -0.55 3.11 17.79
N ALA A 294 -1.19 1.97 17.60
CA ALA A 294 -2.64 1.94 17.54
C ALA A 294 -3.24 2.53 18.83
N VAL A 295 -2.77 2.04 19.97
CA VAL A 295 -3.27 2.53 21.25
C VAL A 295 -3.06 4.04 21.32
N TRP A 296 -1.91 4.49 20.83
CA TRP A 296 -1.63 5.92 20.85
C TRP A 296 -2.62 6.70 20.00
N PHE A 297 -2.89 6.19 18.80
CA PHE A 297 -3.83 6.88 17.93
C PHE A 297 -5.21 6.99 18.58
N LEU A 298 -5.72 5.86 19.05
CA LEU A 298 -7.06 5.79 19.63
C LEU A 298 -7.17 6.67 20.88
N SER A 299 -6.14 6.64 21.72
CA SER A 299 -6.18 7.39 22.96
C SER A 299 -6.24 8.90 22.75
N ASN A 300 -5.60 9.37 21.69
CA ASN A 300 -5.47 10.80 21.44
C ASN A 300 -6.43 11.34 20.40
N ASN A 301 -7.22 10.45 19.78
CA ASN A 301 -8.03 10.86 18.65
C ASN A 301 -9.51 10.45 18.69
N SER A 302 -10.09 10.51 19.88
CA SER A 302 -11.50 10.20 20.04
C SER A 302 -12.34 10.97 19.05
N ASP A 303 -12.01 12.24 18.83
CA ASP A 303 -12.75 13.06 17.87
C ASP A 303 -12.75 12.46 16.47
N ILE A 304 -11.74 11.65 16.16
CA ILE A 304 -11.70 11.01 14.84
C ILE A 304 -12.51 9.72 14.82
N TRP A 305 -12.27 8.83 15.78
CA TRP A 305 -12.83 7.48 15.66
C TRP A 305 -14.13 7.20 16.40
N ALA A 306 -14.50 8.07 17.34
CA ALA A 306 -15.70 7.83 18.14
C ALA A 306 -16.89 7.46 17.24
N GLY A 307 -16.99 8.12 16.10
CA GLY A 307 -18.10 7.86 15.20
C GLY A 307 -17.94 6.58 14.40
N TRP A 308 -16.75 5.98 14.43
CA TRP A 308 -16.53 4.74 13.67
C TRP A 308 -17.27 3.56 14.29
N VAL A 309 -17.38 3.58 15.61
CA VAL A 309 -17.93 2.46 16.34
C VAL A 309 -19.35 2.77 16.83
N ASN A 310 -20.09 1.73 17.21
CA ASN A 310 -21.43 1.91 17.76
C ASN A 310 -21.38 2.16 19.27
N ASP A 311 -22.52 2.49 19.86
CA ASP A 311 -22.55 2.91 21.25
C ASP A 311 -22.01 1.81 22.15
N ALA A 312 -22.43 0.57 21.89
CA ALA A 312 -22.00 -0.56 22.70
C ALA A 312 -20.48 -0.70 22.69
N ALA A 313 -19.89 -0.70 21.50
CA ALA A 313 -18.44 -0.83 21.36
C ALA A 313 -17.76 0.33 22.07
N ARG A 314 -18.33 1.51 21.91
CA ARG A 314 -17.73 2.68 22.53
C ARG A 314 -17.74 2.55 24.05
N GLU A 315 -18.72 1.86 24.61
CA GLU A 315 -18.74 1.62 26.06
C GLU A 315 -17.53 0.75 26.46
N ASN A 316 -17.39 -0.38 25.75
CA ASN A 316 -16.25 -1.28 25.95
C ASN A 316 -14.90 -0.58 25.79
N LEU A 317 -14.76 0.21 24.73
CA LEU A 317 -13.50 0.89 24.45
C LEU A 317 -13.20 1.97 25.47
N ALA A 318 -14.21 2.75 25.84
CA ALA A 318 -14.05 3.79 26.86
C ALA A 318 -13.41 3.21 28.12
N ALA A 319 -13.80 1.98 28.45
CA ALA A 319 -13.41 1.33 29.71
C ALA A 319 -12.02 0.68 29.70
N LEU A 320 -11.54 0.32 28.51
CA LEU A 320 -10.28 -0.45 28.38
C LEU A 320 -9.11 0.41 27.91
N ILE A 321 -9.41 1.48 27.18
CA ILE A 321 -8.38 2.30 26.52
C ILE A 321 -7.44 3.05 27.48
N PRO A 322 -7.99 3.80 28.44
CA PRO A 322 -7.12 4.61 29.30
C PRO A 322 -6.07 3.79 30.06
#